data_1RG4
#
_entry.id   1RG4
#
_entity_poly.entity_id   1
_entity_poly.type   'polypeptide(L)'
_entity_poly.pdbx_seq_one_letter_code
;GRMLPQLVCRLVLRCS
;
_entity_poly.pdbx_strand_id   A
#
# COMPACT_ATOMS: atom_id res chain seq x y z
N GLY A 1 -10.97 3.42 -9.59
CA GLY A 1 -10.56 4.59 -10.43
C GLY A 1 -9.78 5.62 -9.63
N ARG A 2 -8.70 5.18 -9.00
CA ARG A 2 -7.87 6.08 -8.21
C ARG A 2 -6.64 5.35 -7.68
N MET A 3 -5.62 5.21 -8.52
CA MET A 3 -4.39 4.53 -8.13
C MET A 3 -3.56 5.41 -7.21
N LEU A 4 -2.72 4.76 -6.42
CA LEU A 4 -1.90 5.45 -5.46
C LEU A 4 -0.66 4.64 -5.12
N PRO A 5 0.22 5.17 -4.24
CA PRO A 5 1.43 4.51 -3.81
C PRO A 5 1.22 3.71 -2.52
N GLN A 6 -0.04 3.44 -2.20
CA GLN A 6 -0.38 2.69 -0.99
C GLN A 6 -0.07 1.21 -1.15
N LEU A 7 0.44 0.83 -2.32
CA LEU A 7 0.78 -0.56 -2.57
C LEU A 7 2.01 -0.95 -1.77
N VAL A 8 2.90 0.01 -1.58
CA VAL A 8 4.12 -0.22 -0.83
C VAL A 8 3.80 -0.38 0.66
N CYS A 9 2.94 0.50 1.16
CA CYS A 9 2.54 0.46 2.56
C CYS A 9 1.67 -0.76 2.82
N ARG A 10 0.96 -1.22 1.79
CA ARG A 10 0.12 -2.40 1.92
C ARG A 10 1.00 -3.60 2.13
N LEU A 11 2.15 -3.60 1.47
CA LEU A 11 3.09 -4.68 1.63
C LEU A 11 3.58 -4.68 3.08
N VAL A 12 3.71 -3.47 3.63
CA VAL A 12 4.15 -3.32 5.01
C VAL A 12 3.00 -3.50 6.00
N LEU A 13 1.80 -3.13 5.57
CA LEU A 13 0.61 -3.27 6.41
C LEU A 13 0.10 -4.70 6.38
N ARG A 14 -0.17 -5.21 5.18
CA ARG A 14 -0.65 -6.57 5.02
C ARG A 14 0.37 -7.53 5.63
N CYS A 15 1.64 -7.17 5.52
CA CYS A 15 2.72 -7.99 6.07
C CYS A 15 2.78 -7.85 7.59
N SER A 16 2.32 -6.69 8.08
CA SER A 16 2.32 -6.43 9.52
C SER A 16 1.51 -7.48 10.27
N GLY A 1 -7.32 13.64 -8.49
CA GLY A 1 -6.03 13.17 -7.91
C GLY A 1 -5.21 12.38 -8.90
N ARG A 2 -4.62 11.27 -8.43
CA ARG A 2 -3.81 10.43 -9.28
C ARG A 2 -3.32 9.19 -8.52
N MET A 3 -2.67 8.28 -9.23
CA MET A 3 -2.15 7.07 -8.61
C MET A 3 -1.19 7.39 -7.50
N LEU A 4 -0.69 6.34 -6.87
CA LEU A 4 0.20 6.52 -5.75
C LEU A 4 0.94 5.21 -5.43
N PRO A 5 1.82 5.24 -4.42
CA PRO A 5 2.57 4.08 -3.99
C PRO A 5 1.90 3.37 -2.82
N GLN A 6 0.61 3.62 -2.65
CA GLN A 6 -0.16 3.01 -1.57
C GLN A 6 0.03 1.51 -1.52
N LEU A 7 0.52 0.93 -2.62
CA LEU A 7 0.75 -0.51 -2.68
C LEU A 7 1.97 -0.88 -1.84
N VAL A 8 2.81 0.10 -1.55
CA VAL A 8 4.00 -0.14 -0.74
C VAL A 8 3.61 -0.33 0.72
N CYS A 9 2.74 0.53 1.22
CA CYS A 9 2.29 0.44 2.60
C CYS A 9 1.58 -0.88 2.83
N ARG A 10 0.69 -1.26 1.92
CA ARG A 10 -0.01 -2.52 2.03
C ARG A 10 0.98 -3.64 2.27
N LEU A 11 2.01 -3.69 1.44
CA LEU A 11 3.05 -4.69 1.61
C LEU A 11 3.52 -4.67 3.06
N VAL A 12 3.56 -3.47 3.64
CA VAL A 12 3.98 -3.29 5.02
C VAL A 12 2.87 -3.74 5.98
N LEU A 13 1.73 -3.05 5.93
CA LEU A 13 0.59 -3.37 6.78
C LEU A 13 0.17 -4.82 6.61
N ARG A 14 -0.14 -5.21 5.37
CA ARG A 14 -0.54 -6.57 5.08
C ARG A 14 0.49 -7.56 5.62
N CYS A 15 1.76 -7.16 5.55
CA CYS A 15 2.84 -8.01 6.05
C CYS A 15 2.92 -7.94 7.57
N SER A 16 2.50 -6.79 8.12
CA SER A 16 2.53 -6.59 9.56
C SER A 16 1.59 -7.57 10.27
N GLY A 1 -13.13 4.27 -9.70
CA GLY A 1 -11.77 3.92 -9.21
C GLY A 1 -10.82 5.09 -9.22
N ARG A 2 -9.54 4.82 -8.96
CA ARG A 2 -8.53 5.86 -8.95
C ARG A 2 -7.14 5.28 -8.71
N MET A 3 -7.07 4.29 -7.81
CA MET A 3 -5.80 3.65 -7.50
C MET A 3 -4.81 4.63 -6.92
N LEU A 4 -3.80 4.11 -6.27
CA LEU A 4 -2.80 4.93 -5.63
C LEU A 4 -1.50 4.15 -5.43
N PRO A 5 -0.48 4.79 -4.81
CA PRO A 5 0.81 4.17 -4.54
C PRO A 5 0.87 3.57 -3.14
N GLN A 6 -0.31 3.32 -2.57
CA GLN A 6 -0.40 2.73 -1.23
C GLN A 6 -0.03 1.25 -1.24
N LEU A 7 0.31 0.73 -2.41
CA LEU A 7 0.69 -0.66 -2.53
C LEU A 7 1.98 -0.93 -1.77
N VAL A 8 2.74 0.13 -1.52
CA VAL A 8 3.98 0.02 -0.79
C VAL A 8 3.71 -0.25 0.68
N CYS A 9 3.00 0.66 1.33
CA CYS A 9 2.65 0.51 2.73
C CYS A 9 1.75 -0.70 2.93
N ARG A 10 1.16 -1.19 1.84
CA ARG A 10 0.29 -2.36 1.92
C ARG A 10 1.14 -3.59 2.15
N LEU A 11 2.25 -3.68 1.44
CA LEU A 11 3.16 -4.80 1.63
C LEU A 11 3.63 -4.79 3.08
N VAL A 12 3.80 -3.58 3.62
CA VAL A 12 4.24 -3.41 5.00
C VAL A 12 3.09 -3.60 5.99
N LEU A 13 1.91 -3.12 5.62
CA LEU A 13 0.74 -3.23 6.48
C LEU A 13 0.16 -4.63 6.43
N ARG A 14 -0.13 -5.10 5.22
CA ARG A 14 -0.67 -6.45 5.03
C ARG A 14 0.29 -7.46 5.63
N CYS A 15 1.58 -7.17 5.52
CA CYS A 15 2.61 -8.06 6.06
C CYS A 15 2.65 -7.95 7.58
N SER A 16 2.25 -6.79 8.09
CA SER A 16 2.26 -6.54 9.53
C SER A 16 1.40 -7.57 10.26
N GLY A 1 -12.96 6.13 -7.30
CA GLY A 1 -11.96 5.16 -6.79
C GLY A 1 -10.56 5.72 -6.76
N ARG A 2 -9.99 5.95 -7.95
CA ARG A 2 -8.64 6.49 -8.05
C ARG A 2 -7.61 5.54 -7.45
N MET A 3 -6.45 5.45 -8.07
CA MET A 3 -5.39 4.58 -7.59
C MET A 3 -4.20 5.38 -7.11
N LEU A 4 -3.37 4.72 -6.31
CA LEU A 4 -2.21 5.36 -5.74
C LEU A 4 -1.08 4.35 -5.52
N PRO A 5 0.03 4.79 -4.90
CA PRO A 5 1.18 3.94 -4.64
C PRO A 5 1.14 3.38 -3.22
N GLN A 6 -0.07 3.27 -2.67
CA GLN A 6 -0.26 2.75 -1.33
C GLN A 6 0.04 1.26 -1.25
N LEU A 7 0.43 0.68 -2.38
CA LEU A 7 0.75 -0.75 -2.43
C LEU A 7 2.02 -1.02 -1.64
N VAL A 8 2.83 0.01 -1.46
CA VAL A 8 4.07 -0.12 -0.72
C VAL A 8 3.79 -0.30 0.76
N CYS A 9 2.95 0.58 1.30
CA CYS A 9 2.57 0.51 2.71
C CYS A 9 1.69 -0.69 2.96
N ARG A 10 0.94 -1.11 1.95
CA ARG A 10 0.08 -2.28 2.07
C ARG A 10 0.94 -3.51 2.20
N LEU A 11 2.08 -3.49 1.52
CA LEU A 11 3.01 -4.59 1.61
C LEU A 11 3.52 -4.66 3.04
N VAL A 12 3.68 -3.48 3.64
CA VAL A 12 4.16 -3.37 5.02
C VAL A 12 3.02 -3.58 6.01
N LEU A 13 1.81 -3.17 5.62
CA LEU A 13 0.64 -3.32 6.48
C LEU A 13 0.12 -4.75 6.42
N ARG A 14 -0.18 -5.22 5.21
CA ARG A 14 -0.66 -6.57 5.02
C ARG A 14 0.35 -7.57 5.55
N CYS A 15 1.64 -7.19 5.46
CA CYS A 15 2.70 -8.06 5.96
C CYS A 15 2.84 -7.94 7.47
N SER A 16 2.46 -6.79 8.01
CA SER A 16 2.54 -6.55 9.44
C SER A 16 1.37 -7.20 10.16
N GLY A 1 -7.64 13.55 -9.59
CA GLY A 1 -6.99 12.50 -8.76
C GLY A 1 -5.51 12.37 -9.05
N ARG A 2 -4.89 11.31 -8.54
CA ARG A 2 -3.47 11.07 -8.74
C ARG A 2 -3.03 9.77 -8.07
N MET A 3 -2.46 8.86 -8.86
CA MET A 3 -2.00 7.58 -8.35
C MET A 3 -0.96 7.77 -7.26
N LEU A 4 -0.54 6.67 -6.69
CA LEU A 4 0.40 6.71 -5.61
C LEU A 4 1.03 5.34 -5.35
N PRO A 5 1.95 5.26 -4.39
CA PRO A 5 2.63 4.02 -4.02
C PRO A 5 1.96 3.37 -2.81
N GLN A 6 0.69 3.69 -2.61
CA GLN A 6 -0.07 3.14 -1.48
C GLN A 6 0.06 1.62 -1.41
N LEU A 7 0.46 1.01 -2.52
CA LEU A 7 0.63 -0.44 -2.57
C LEU A 7 1.84 -0.86 -1.75
N VAL A 8 2.78 0.07 -1.58
CA VAL A 8 3.98 -0.20 -0.81
C VAL A 8 3.62 -0.37 0.66
N CYS A 9 2.70 0.47 1.13
CA CYS A 9 2.25 0.39 2.51
C CYS A 9 1.56 -0.94 2.75
N ARG A 10 0.72 -1.35 1.80
CA ARG A 10 0.02 -2.63 1.93
C ARG A 10 1.04 -3.71 2.21
N LEU A 11 2.09 -3.76 1.41
CA LEU A 11 3.15 -4.73 1.62
C LEU A 11 3.58 -4.68 3.08
N VAL A 12 3.59 -3.47 3.63
CA VAL A 12 3.95 -3.27 5.03
C VAL A 12 2.83 -3.72 5.95
N LEU A 13 1.71 -3.00 5.90
CA LEU A 13 0.55 -3.33 6.73
C LEU A 13 0.16 -4.80 6.57
N ARG A 14 -0.12 -5.20 5.33
CA ARG A 14 -0.50 -6.59 5.06
C ARG A 14 0.54 -7.54 5.63
N CYS A 15 1.80 -7.13 5.59
CA CYS A 15 2.88 -7.95 6.13
C CYS A 15 2.89 -7.88 7.65
N SER A 16 2.44 -6.76 8.20
CA SER A 16 2.41 -6.58 9.64
C SER A 16 1.63 -7.71 10.33
N GLY A 1 -6.91 12.49 -10.72
CA GLY A 1 -6.53 11.18 -10.12
C GLY A 1 -5.05 10.89 -10.23
N ARG A 2 -4.34 11.08 -9.13
CA ARG A 2 -2.90 10.84 -9.09
C ARG A 2 -2.56 9.59 -8.29
N MET A 3 -1.93 8.62 -8.95
CA MET A 3 -1.55 7.37 -8.30
C MET A 3 -0.67 7.63 -7.11
N LEU A 4 -0.27 6.54 -6.45
CA LEU A 4 0.53 6.65 -5.27
C LEU A 4 1.21 5.32 -4.95
N PRO A 5 2.01 5.28 -3.87
CA PRO A 5 2.72 4.08 -3.44
C PRO A 5 1.95 3.35 -2.34
N GLN A 6 0.65 3.61 -2.26
CA GLN A 6 -0.21 2.97 -1.26
C GLN A 6 -0.03 1.46 -1.29
N LEU A 7 0.49 0.93 -2.38
CA LEU A 7 0.72 -0.50 -2.52
C LEU A 7 1.92 -0.92 -1.69
N VAL A 8 2.87 -0.01 -1.53
CA VAL A 8 4.07 -0.29 -0.75
C VAL A 8 3.71 -0.40 0.72
N CYS A 9 2.78 0.44 1.17
CA CYS A 9 2.35 0.42 2.56
C CYS A 9 1.51 -0.82 2.83
N ARG A 10 0.81 -1.30 1.81
CA ARG A 10 0.00 -2.51 1.95
C ARG A 10 0.92 -3.69 2.14
N LEU A 11 2.07 -3.64 1.50
CA LEU A 11 3.05 -4.69 1.64
C LEU A 11 3.54 -4.68 3.09
N VAL A 12 3.62 -3.48 3.66
CA VAL A 12 4.04 -3.30 5.03
C VAL A 12 2.89 -3.51 6.00
N LEU A 13 1.68 -3.20 5.55
CA LEU A 13 0.48 -3.35 6.37
C LEU A 13 0.04 -4.81 6.38
N ARG A 14 -0.20 -5.35 5.19
CA ARG A 14 -0.60 -6.74 5.06
C ARG A 14 0.45 -7.64 5.66
N CYS A 15 1.71 -7.23 5.53
CA CYS A 15 2.83 -8.00 6.09
C CYS A 15 2.92 -7.79 7.60
N SER A 16 2.49 -6.62 8.06
CA SER A 16 2.53 -6.29 9.48
C SER A 16 1.68 -7.27 10.28
N GLY A 1 -11.67 6.17 -7.78
CA GLY A 1 -11.25 7.60 -7.77
C GLY A 1 -9.75 7.77 -7.88
N ARG A 2 -9.22 8.78 -7.21
CA ARG A 2 -7.78 9.04 -7.25
C ARG A 2 -7.00 7.86 -6.70
N MET A 3 -5.77 7.70 -7.18
CA MET A 3 -4.91 6.60 -6.73
C MET A 3 -3.70 7.12 -6.00
N LEU A 4 -3.00 6.21 -5.34
CA LEU A 4 -1.84 6.57 -4.55
C LEU A 4 -0.82 5.42 -4.54
N PRO A 5 0.25 5.57 -3.75
CA PRO A 5 1.30 4.57 -3.62
C PRO A 5 1.09 3.68 -2.40
N GLN A 6 -0.18 3.49 -2.04
CA GLN A 6 -0.54 2.67 -0.89
C GLN A 6 -0.19 1.20 -1.13
N LEU A 7 0.37 0.90 -2.30
CA LEU A 7 0.75 -0.46 -2.63
C LEU A 7 1.98 -0.87 -1.84
N VAL A 8 2.85 0.11 -1.60
CA VAL A 8 4.07 -0.12 -0.85
C VAL A 8 3.74 -0.35 0.62
N CYS A 9 3.00 0.59 1.18
CA CYS A 9 2.59 0.49 2.59
C CYS A 9 1.73 -0.74 2.81
N ARG A 10 1.18 -1.28 1.72
CA ARG A 10 0.35 -2.48 1.82
C ARG A 10 1.24 -3.66 2.14
N LEU A 11 2.30 -3.84 1.36
CA LEU A 11 3.22 -4.93 1.64
C LEU A 11 3.66 -4.84 3.11
N VAL A 12 3.73 -3.61 3.61
CA VAL A 12 4.12 -3.36 4.99
C VAL A 12 2.97 -3.60 5.96
N LEU A 13 1.79 -3.09 5.61
CA LEU A 13 0.61 -3.24 6.46
C LEU A 13 0.08 -4.67 6.39
N ARG A 14 -0.17 -5.14 5.18
CA ARG A 14 -0.66 -6.51 4.98
C ARG A 14 0.30 -7.50 5.61
N CYS A 15 1.59 -7.19 5.54
CA CYS A 15 2.61 -8.06 6.13
C CYS A 15 2.67 -7.87 7.64
N SER A 16 2.34 -6.67 8.09
CA SER A 16 2.35 -6.36 9.52
C SER A 16 1.38 -7.25 10.29
N GLY A 1 -12.76 7.76 -8.33
CA GLY A 1 -12.07 8.00 -7.04
C GLY A 1 -10.62 8.43 -7.21
N ARG A 2 -9.88 8.46 -6.11
CA ARG A 2 -8.48 8.85 -6.14
C ARG A 2 -7.58 7.66 -5.82
N MET A 3 -6.47 7.55 -6.56
CA MET A 3 -5.52 6.46 -6.34
C MET A 3 -4.22 6.98 -5.79
N LEU A 4 -3.42 6.06 -5.27
CA LEU A 4 -2.16 6.41 -4.67
C LEU A 4 -1.19 5.23 -4.73
N PRO A 5 0.00 5.37 -4.10
CA PRO A 5 1.01 4.33 -4.07
C PRO A 5 0.92 3.53 -2.78
N GLN A 6 -0.29 3.34 -2.28
CA GLN A 6 -0.53 2.59 -1.06
C GLN A 6 -0.10 1.14 -1.20
N LEU A 7 0.41 0.77 -2.37
CA LEU A 7 0.86 -0.59 -2.62
C LEU A 7 2.10 -0.88 -1.78
N VAL A 8 2.87 0.17 -1.50
CA VAL A 8 4.08 0.03 -0.71
C VAL A 8 3.73 -0.23 0.74
N CYS A 9 2.98 0.68 1.34
CA CYS A 9 2.57 0.54 2.73
C CYS A 9 1.72 -0.72 2.91
N ARG A 10 1.17 -1.22 1.80
CA ARG A 10 0.36 -2.44 1.85
C ARG A 10 1.25 -3.61 2.22
N LEU A 11 2.23 -3.90 1.40
CA LEU A 11 3.15 -4.99 1.71
C LEU A 11 3.61 -4.87 3.16
N VAL A 12 3.70 -3.62 3.63
CA VAL A 12 4.12 -3.35 5.00
C VAL A 12 2.98 -3.54 6.00
N LEU A 13 1.78 -3.12 5.63
CA LEU A 13 0.61 -3.25 6.50
C LEU A 13 0.04 -4.65 6.43
N ARG A 14 -0.25 -5.10 5.20
CA ARG A 14 -0.80 -6.43 4.98
C ARG A 14 0.13 -7.48 5.56
N CYS A 15 1.45 -7.23 5.47
CA CYS A 15 2.43 -8.16 6.00
C CYS A 15 2.66 -7.90 7.49
N SER A 16 2.41 -6.67 7.93
CA SER A 16 2.59 -6.30 9.33
C SER A 16 1.76 -7.19 10.25
N GLY A 1 -11.45 3.83 -9.54
CA GLY A 1 -11.88 5.05 -8.81
C GLY A 1 -10.73 6.00 -8.55
N ARG A 2 -9.61 5.45 -8.10
CA ARG A 2 -8.42 6.26 -7.81
C ARG A 2 -7.26 5.39 -7.35
N MET A 3 -6.19 5.36 -8.14
CA MET A 3 -5.02 4.56 -7.81
C MET A 3 -3.99 5.40 -7.10
N LEU A 4 -3.13 4.72 -6.35
CA LEU A 4 -2.11 5.38 -5.58
C LEU A 4 -0.93 4.45 -5.32
N PRO A 5 0.09 4.93 -4.57
CA PRO A 5 1.27 4.16 -4.24
C PRO A 5 1.15 3.49 -2.87
N GLN A 6 -0.10 3.29 -2.43
CA GLN A 6 -0.37 2.66 -1.15
C GLN A 6 -0.04 1.17 -1.19
N LEU A 7 0.43 0.68 -2.34
CA LEU A 7 0.78 -0.72 -2.48
C LEU A 7 2.05 -1.01 -1.69
N VAL A 8 2.90 0.00 -1.54
CA VAL A 8 4.13 -0.16 -0.80
C VAL A 8 3.84 -0.28 0.69
N CYS A 9 2.93 0.57 1.18
CA CYS A 9 2.55 0.56 2.58
C CYS A 9 1.65 -0.62 2.88
N ARG A 10 0.94 -1.11 1.86
CA ARG A 10 0.08 -2.27 2.02
C ARG A 10 0.94 -3.51 2.14
N LEU A 11 2.04 -3.51 1.42
CA LEU A 11 2.98 -4.62 1.50
C LEU A 11 3.50 -4.66 2.93
N VAL A 12 3.69 -3.47 3.51
CA VAL A 12 4.17 -3.34 4.87
C VAL A 12 3.05 -3.59 5.88
N LEU A 13 1.86 -3.07 5.59
CA LEU A 13 0.70 -3.23 6.45
C LEU A 13 0.23 -4.68 6.42
N ARG A 14 -0.10 -5.15 5.23
CA ARG A 14 -0.55 -6.53 5.05
C ARG A 14 0.49 -7.47 5.63
N CYS A 15 1.75 -7.05 5.58
CA CYS A 15 2.84 -7.86 6.12
C CYS A 15 2.77 -7.88 7.65
N SER A 16 2.22 -6.81 8.21
CA SER A 16 2.10 -6.69 9.66
C SER A 16 1.35 -7.88 10.25
N GLY A 1 -7.99 9.59 -8.20
CA GLY A 1 -7.05 9.43 -7.06
C GLY A 1 -5.60 9.43 -7.50
N ARG A 2 -5.33 8.77 -8.62
CA ARG A 2 -3.98 8.69 -9.16
C ARG A 2 -3.04 8.03 -8.15
N MET A 3 -3.54 7.01 -7.46
CA MET A 3 -2.74 6.30 -6.47
C MET A 3 -1.75 5.38 -7.13
N LEU A 4 -0.88 4.83 -6.31
CA LEU A 4 0.16 3.96 -6.81
C LEU A 4 1.14 3.53 -5.72
N PRO A 5 1.45 4.39 -4.73
CA PRO A 5 2.34 4.02 -3.65
C PRO A 5 1.55 3.31 -2.56
N GLN A 6 0.30 2.98 -2.89
CA GLN A 6 -0.58 2.31 -1.96
C GLN A 6 -0.07 0.91 -1.64
N LEU A 7 0.69 0.34 -2.56
CA LEU A 7 1.24 -1.01 -2.39
C LEU A 7 2.44 -1.00 -1.44
N VAL A 8 2.95 0.20 -1.14
CA VAL A 8 4.09 0.33 -0.25
C VAL A 8 3.69 0.01 1.18
N CYS A 9 2.73 0.76 1.70
CA CYS A 9 2.25 0.55 3.06
C CYS A 9 1.40 -0.71 3.14
N ARG A 10 0.77 -1.08 2.03
CA ARG A 10 -0.04 -2.29 1.99
C ARG A 10 0.88 -3.48 2.14
N LEU A 11 1.85 -3.59 1.25
CA LEU A 11 2.82 -4.67 1.32
C LEU A 11 3.37 -4.76 2.75
N VAL A 12 3.50 -3.60 3.38
CA VAL A 12 3.98 -3.54 4.76
C VAL A 12 2.89 -3.87 5.76
N LEU A 13 1.99 -2.92 5.99
CA LEU A 13 0.88 -3.11 6.92
C LEU A 13 0.23 -4.48 6.74
N ARG A 14 -0.09 -4.83 5.50
CA ARG A 14 -0.69 -6.11 5.21
C ARG A 14 0.24 -7.22 5.67
N CYS A 15 1.52 -7.08 5.34
CA CYS A 15 2.52 -8.09 5.72
C CYS A 15 2.96 -7.92 7.18
N SER A 16 2.39 -6.93 7.87
CA SER A 16 2.73 -6.68 9.26
C SER A 16 1.95 -7.61 10.18
#